data_5MUA
#
_entry.id   5MUA
#
_cell.length_a   75.671
_cell.length_b   94.331
_cell.length_c   102.764
_cell.angle_alpha   90.00
_cell.angle_beta   90.00
_cell.angle_gamma   90.00
#
_symmetry.space_group_name_H-M   'P 21 21 21'
#
loop_
_entity.id
_entity.type
_entity.pdbx_description
1 polymer 'Ricin B-related lectin'
2 non-polymer beta-D-galactopyranose
3 non-polymer 'CALCIUM ION'
4 non-polymer N-[N-[1-HYDROXYCARBOXYETHYL-CARBONYL]LEUCYLAMINO-BUTYL]-GUANIDINE
5 non-polymer 'DIMETHYL SULFOXIDE'
6 water water
#
_entity_poly.entity_id   1
_entity_poly.type   'polypeptide(L)'
_entity_poly.pdbx_seq_one_letter_code
;MSFQGHGIYYIASAYVANTRLALSEDSSANKSPDVIISSDAVDPLNNLWLIEPVGEADTYTVRNAFAGSYMDLAGHAATD
GTAIIGYRPTGGDNQKWIISQINDVWKIKSKETGTFVTLLNGDGGGTGTVVGWQNITNNTSQNWTFQKLSQTGANVHATL
LACPALRQDFKSYLSDGLYLVLTRDQISSIWQASGLGSTPWRSEIFDCDDFATVFKGAVAKWGNENFKANGFALLCGLMF
GSKSSGAHAYNWFVERGNFSTVTFFEPQNGTYSANAWDYKAYFGLF
;
_entity_poly.pdbx_strand_id   A,B
#
loop_
_chem_comp.id
_chem_comp.type
_chem_comp.name
_chem_comp.formula
CA non-polymer 'CALCIUM ION' 'Ca 2'
DMS non-polymer 'DIMETHYL SULFOXIDE' 'C2 H6 O S'
E64 non-polymer N-[N-[1-HYDROXYCARBOXYETHYL-CARBONYL]LEUCYLAMINO-BUTYL]-GUANIDINE 'C15 H30 N5 O5 1'
GAL D-saccharide, beta linking beta-D-galactopyranose 'C6 H12 O6'
#
# COMPACT_ATOMS: atom_id res chain seq x y z
N SER A 2 26.63 20.12 -1.97
CA SER A 2 26.80 21.31 -2.82
C SER A 2 25.46 21.55 -3.49
N PHE A 3 25.26 22.78 -3.94
CA PHE A 3 24.07 23.07 -4.70
C PHE A 3 24.14 22.50 -6.11
N GLN A 4 23.11 21.81 -6.52
CA GLN A 4 23.10 21.17 -7.84
C GLN A 4 21.82 21.41 -8.63
N GLY A 5 21.19 22.53 -8.38
CA GLY A 5 19.95 22.89 -9.05
C GLY A 5 18.76 22.15 -8.43
N HIS A 6 17.78 21.88 -9.24
CA HIS A 6 16.52 21.26 -8.82
C HIS A 6 16.71 20.21 -7.77
N GLY A 7 16.11 20.39 -6.60
CA GLY A 7 16.29 19.43 -5.51
C GLY A 7 15.77 19.93 -4.19
N ILE A 8 15.96 19.11 -3.17
CA ILE A 8 15.58 19.44 -1.83
C ILE A 8 16.84 19.49 -1.01
N TYR A 9 16.95 20.54 -0.18
CA TYR A 9 18.22 20.83 0.48
C TYR A 9 18.03 21.29 1.91
N TYR A 10 19.07 21.09 2.70
CA TYR A 10 19.35 21.92 3.86
C TYR A 10 20.13 23.15 3.34
N ILE A 11 19.74 24.34 3.83
CA ILE A 11 20.49 25.57 3.54
C ILE A 11 21.13 26.02 4.85
N ALA A 12 22.45 25.86 4.92
CA ALA A 12 23.19 26.05 6.13
C ALA A 12 24.03 27.36 6.00
N SER A 13 24.11 28.12 7.08
CA SER A 13 25.02 29.29 7.12
C SER A 13 26.47 28.85 6.97
N ALA A 14 27.25 29.52 6.15
CA ALA A 14 28.70 29.32 6.15
C ALA A 14 29.39 30.18 7.20
N TYR A 15 28.67 31.11 7.77
CA TYR A 15 29.16 32.14 8.66
C TYR A 15 29.30 31.67 10.04
N VAL A 16 28.38 30.80 10.51
CA VAL A 16 28.42 30.20 11.84
C VAL A 16 28.00 28.76 11.73
N ALA A 17 28.60 27.96 12.60
CA ALA A 17 28.46 26.54 12.65
C ALA A 17 27.06 26.13 13.09
N ASN A 18 26.66 24.99 12.55
N ASN A 18 26.66 24.92 12.73
CA ASN A 18 25.55 24.22 13.07
CA ASN A 18 25.45 24.28 13.29
C ASN A 18 24.22 24.93 12.98
C ASN A 18 24.14 24.95 13.00
N THR A 19 24.11 25.77 11.94
CA THR A 19 23.04 26.68 11.79
C THR A 19 22.51 26.56 10.38
N ARG A 20 21.20 26.35 10.27
CA ARG A 20 20.53 26.22 8.97
C ARG A 20 19.18 26.87 8.96
N LEU A 21 18.59 27.01 7.77
CA LEU A 21 17.36 27.76 7.63
C LEU A 21 16.15 26.90 7.81
N ALA A 22 15.20 27.46 8.53
CA ALA A 22 13.88 26.93 8.68
C ALA A 22 12.82 28.04 8.61
N LEU A 23 11.57 27.65 8.77
CA LEU A 23 10.47 28.61 8.69
C LEU A 23 9.80 28.56 10.01
N SER A 24 9.49 29.72 10.61
CA SER A 24 8.72 29.76 11.84
C SER A 24 7.32 29.16 11.61
N GLU A 25 6.62 28.92 12.70
CA GLU A 25 5.31 28.22 12.71
C GLU A 25 4.13 29.18 13.03
N SER A 32 3.04 37.11 8.53
CA SER A 32 3.70 36.11 7.72
C SER A 32 4.82 35.46 8.57
N PRO A 33 5.07 34.16 8.34
CA PRO A 33 6.18 33.46 9.02
C PRO A 33 7.53 33.94 8.51
N ASP A 34 8.52 33.99 9.39
CA ASP A 34 9.86 34.40 9.06
C ASP A 34 10.70 33.19 8.70
N VAL A 35 11.62 33.36 7.79
CA VAL A 35 12.71 32.40 7.60
C VAL A 35 13.62 32.63 8.80
N ILE A 36 13.94 31.57 9.52
CA ILE A 36 14.67 31.66 10.81
C ILE A 36 15.87 30.74 10.80
N ILE A 37 16.78 30.97 11.72
CA ILE A 37 17.89 30.05 11.93
CA ILE A 37 17.92 30.09 12.02
C ILE A 37 17.40 28.89 12.81
N SER A 38 18.04 27.73 12.61
CA SER A 38 17.61 26.48 13.17
C SER A 38 18.87 25.71 13.45
N SER A 39 18.89 24.97 14.54
CA SER A 39 20.05 24.19 14.95
C SER A 39 20.09 22.87 14.17
N ASP A 40 21.25 22.47 13.72
CA ASP A 40 21.37 21.17 13.08
C ASP A 40 21.52 20.00 14.05
N ALA A 41 21.32 20.26 15.32
CA ALA A 41 21.22 19.16 16.30
C ALA A 41 19.88 18.50 16.25
N VAL A 42 18.87 19.19 15.66
CA VAL A 42 17.51 18.67 15.51
C VAL A 42 17.19 18.69 14.02
N ASP A 43 16.16 17.91 13.62
CA ASP A 43 15.75 17.78 12.23
C ASP A 43 14.30 18.01 11.92
N PRO A 44 13.73 19.12 12.37
CA PRO A 44 12.35 19.41 12.12
C PRO A 44 12.09 19.59 10.62
N LEU A 45 10.94 19.09 10.17
CA LEU A 45 10.69 19.01 8.75
C LEU A 45 10.68 20.39 8.04
N ASN A 46 10.46 21.48 8.79
CA ASN A 46 10.46 22.81 8.25
C ASN A 46 11.82 23.37 8.00
N ASN A 47 12.86 22.54 8.09
CA ASN A 47 14.22 22.86 7.54
C ASN A 47 14.50 22.40 6.11
N LEU A 48 13.51 21.79 5.46
CA LEU A 48 13.66 21.24 4.11
C LEU A 48 13.19 22.24 3.06
N TRP A 49 14.06 22.54 2.11
CA TRP A 49 13.79 23.54 1.08
C TRP A 49 13.80 22.88 -0.27
N LEU A 50 12.65 23.01 -0.99
CA LEU A 50 12.49 22.47 -2.33
C LEU A 50 12.78 23.61 -3.28
N ILE A 51 13.88 23.45 -4.00
CA ILE A 51 14.43 24.44 -4.90
C ILE A 51 14.16 24.05 -6.34
N GLU A 52 13.32 24.85 -7.01
CA GLU A 52 12.80 24.52 -8.33
C GLU A 52 13.17 25.59 -9.37
N PRO A 53 13.71 25.21 -10.52
CA PRO A 53 14.18 26.17 -11.49
C PRO A 53 13.04 26.82 -12.16
N VAL A 54 13.23 28.09 -12.51
CA VAL A 54 12.20 28.82 -13.20
C VAL A 54 12.47 29.11 -14.68
N GLY A 55 13.58 28.62 -15.27
CA GLY A 55 13.87 28.79 -16.66
C GLY A 55 15.03 29.73 -16.92
N GLU A 56 15.16 30.75 -16.11
CA GLU A 56 16.22 31.78 -16.18
C GLU A 56 17.47 31.16 -15.57
N ALA A 57 18.64 31.46 -16.17
CA ALA A 57 19.89 30.95 -15.65
C ALA A 57 20.06 31.15 -14.14
N ASP A 58 20.46 30.06 -13.48
CA ASP A 58 20.67 30.02 -12.04
C ASP A 58 19.58 30.62 -11.16
N THR A 59 18.32 30.58 -11.62
CA THR A 59 17.22 31.19 -10.92
C THR A 59 16.20 30.16 -10.51
N TYR A 60 15.80 30.24 -9.25
CA TYR A 60 14.90 29.25 -8.62
C TYR A 60 13.88 29.86 -7.70
N THR A 61 12.78 29.16 -7.47
CA THR A 61 12.00 29.37 -6.27
C THR A 61 12.56 28.52 -5.15
N VAL A 62 12.33 28.95 -3.91
CA VAL A 62 12.84 28.25 -2.75
C VAL A 62 11.69 28.05 -1.80
N ARG A 63 11.20 26.82 -1.73
CA ARG A 63 9.92 26.57 -1.07
C ARG A 63 10.07 25.67 0.13
N ASN A 64 9.40 26.05 1.20
CA ASN A 64 9.41 25.26 2.41
C ASN A 64 8.58 24.01 2.09
N ALA A 65 9.22 22.86 2.02
CA ALA A 65 8.48 21.58 1.75
C ALA A 65 7.32 21.33 2.76
N PHE A 66 7.59 21.59 4.03
CA PHE A 66 6.62 21.34 5.12
C PHE A 66 5.43 22.31 4.97
N ALA A 67 5.72 23.61 5.04
CA ALA A 67 4.69 24.59 5.15
C ALA A 67 4.11 24.98 3.85
N GLY A 68 4.80 24.72 2.75
CA GLY A 68 4.28 25.11 1.40
C GLY A 68 4.55 26.57 0.98
N SER A 69 4.95 27.39 1.95
CA SER A 69 5.25 28.77 1.73
C SER A 69 6.56 28.90 0.90
N TYR A 70 6.65 30.01 0.16
CA TYR A 70 7.79 30.39 -0.68
C TYR A 70 8.69 31.45 -0.01
N MET A 71 10.00 31.21 -0.03
CA MET A 71 10.97 32.23 0.45
C MET A 71 10.73 33.51 -0.36
N ASP A 72 10.56 34.61 0.36
CA ASP A 72 10.01 35.84 -0.19
C ASP A 72 10.73 37.00 0.52
N LEU A 73 11.20 37.94 -0.27
CA LEU A 73 11.75 39.19 0.26
C LEU A 73 10.56 40.14 0.56
N ALA A 74 10.29 40.35 1.85
CA ALA A 74 9.08 41.02 2.30
C ALA A 74 8.81 42.36 1.63
N GLY A 75 7.65 42.48 1.00
CA GLY A 75 7.24 43.77 0.41
C GLY A 75 8.11 44.20 -0.76
N HIS A 76 8.87 43.27 -1.36
CA HIS A 76 9.77 43.56 -2.42
C HIS A 76 10.83 44.57 -2.07
N ALA A 77 11.06 44.83 -0.78
CA ALA A 77 11.91 45.97 -0.37
C ALA A 77 13.39 45.70 -0.60
N ALA A 78 14.07 46.61 -1.25
CA ALA A 78 15.53 46.50 -1.41
C ALA A 78 16.25 46.93 -0.13
N THR A 79 15.56 47.51 0.82
CA THR A 79 16.19 48.15 2.01
C THR A 79 16.99 47.14 2.81
N ASP A 80 18.16 47.54 3.26
CA ASP A 80 18.95 46.70 4.13
C ASP A 80 18.20 46.31 5.42
N GLY A 81 18.12 45.02 5.69
CA GLY A 81 17.43 44.41 6.84
C GLY A 81 15.97 43.99 6.63
N THR A 82 15.47 44.13 5.41
CA THR A 82 14.15 43.62 5.00
C THR A 82 14.03 42.12 5.37
N ALA A 83 12.92 41.78 6.01
CA ALA A 83 12.70 40.40 6.46
C ALA A 83 12.66 39.40 5.28
N ILE A 84 13.31 38.26 5.47
CA ILE A 84 13.07 37.12 4.61
C ILE A 84 11.92 36.31 5.26
N ILE A 85 10.84 36.05 4.49
CA ILE A 85 9.60 35.47 5.02
C ILE A 85 9.18 34.29 4.15
N GLY A 86 8.21 33.55 4.63
CA GLY A 86 7.52 32.57 3.84
C GLY A 86 6.17 33.14 3.40
N TYR A 87 5.81 33.02 2.12
CA TYR A 87 4.60 33.68 1.64
C TYR A 87 3.91 32.74 0.66
N ARG A 88 2.61 32.95 0.44
CA ARG A 88 1.95 32.27 -0.64
C ARG A 88 2.65 32.55 -1.99
N PRO A 89 2.53 31.61 -2.90
CA PRO A 89 3.12 31.84 -4.17
C PRO A 89 2.47 32.98 -4.90
N THR A 90 3.28 33.89 -5.44
CA THR A 90 2.79 35.06 -6.18
C THR A 90 3.22 35.12 -7.59
N GLY A 91 4.22 34.37 -8.03
CA GLY A 91 4.79 34.61 -9.32
C GLY A 91 5.73 35.80 -9.28
N GLY A 92 5.91 36.44 -8.12
CA GLY A 92 6.72 37.67 -8.04
C GLY A 92 8.20 37.44 -8.19
N ASP A 93 8.92 38.48 -8.60
CA ASP A 93 10.38 38.41 -8.67
C ASP A 93 11.04 38.43 -7.30
N ASN A 94 10.30 38.82 -6.25
CA ASN A 94 10.82 38.72 -4.87
C ASN A 94 10.65 37.32 -4.30
N GLN A 95 10.16 36.39 -5.12
CA GLN A 95 10.21 34.93 -4.82
C GLN A 95 11.15 34.13 -5.75
N LYS A 96 11.93 34.80 -6.57
CA LYS A 96 12.89 34.18 -7.43
C LYS A 96 14.27 34.53 -6.88
N TRP A 97 15.14 33.53 -6.85
CA TRP A 97 16.40 33.62 -6.17
C TRP A 97 17.49 33.11 -7.08
N ILE A 98 18.54 33.94 -7.27
CA ILE A 98 19.68 33.58 -8.07
C ILE A 98 20.69 32.93 -7.11
N ILE A 99 20.96 31.65 -7.30
CA ILE A 99 21.85 30.89 -6.42
C ILE A 99 23.04 30.54 -7.29
N SER A 100 24.19 31.09 -6.92
CA SER A 100 25.42 31.07 -7.74
CA SER A 100 25.41 30.98 -7.74
C SER A 100 26.62 30.86 -6.81
N GLN A 101 27.70 30.38 -7.39
CA GLN A 101 28.98 30.21 -6.71
CA GLN A 101 28.98 30.21 -6.72
C GLN A 101 30.03 31.03 -7.44
N TRP A 106 28.70 29.79 -2.18
CA TRP A 106 27.27 30.10 -2.60
C TRP A 106 26.50 31.25 -1.93
N LYS A 107 25.83 32.07 -2.73
CA LYS A 107 25.02 33.14 -2.26
C LYS A 107 23.61 32.99 -2.87
N ILE A 108 22.68 33.72 -2.29
CA ILE A 108 21.25 33.62 -2.65
C ILE A 108 20.80 35.05 -2.84
N LYS A 109 20.62 35.44 -4.08
CA LYS A 109 20.35 36.81 -4.48
C LYS A 109 18.94 36.98 -4.99
N SER A 110 18.22 37.98 -4.51
CA SER A 110 16.88 38.25 -5.02
C SER A 110 16.92 38.70 -6.46
N LYS A 111 16.08 38.13 -7.30
CA LYS A 111 16.05 38.56 -8.70
C LYS A 111 15.60 40.02 -8.75
N GLU A 112 14.61 40.37 -7.96
CA GLU A 112 13.99 41.68 -8.04
C GLU A 112 14.95 42.80 -7.55
N THR A 113 15.53 42.63 -6.39
CA THR A 113 16.34 43.73 -5.78
C THR A 113 17.84 43.64 -5.98
N GLY A 114 18.35 42.45 -6.22
CA GLY A 114 19.78 42.20 -6.14
C GLY A 114 20.31 42.20 -4.74
N THR A 115 19.45 42.26 -3.70
CA THR A 115 19.91 42.08 -2.32
C THR A 115 20.00 40.60 -1.98
N PHE A 116 20.79 40.31 -0.96
CA PHE A 116 21.15 38.94 -0.63
C PHE A 116 20.57 38.43 0.67
N VAL A 117 20.27 37.12 0.69
CA VAL A 117 19.86 36.51 1.93
C VAL A 117 21.07 36.52 2.87
N THR A 118 20.86 37.14 4.03
CA THR A 118 21.93 37.46 4.94
C THR A 118 21.56 37.03 6.35
N LEU A 119 22.53 36.43 7.03
CA LEU A 119 22.34 36.15 8.46
C LEU A 119 22.76 37.41 9.27
N LEU A 120 21.85 38.00 9.98
CA LEU A 120 22.14 39.28 10.66
C LEU A 120 22.24 38.98 12.16
N ASN A 121 23.32 39.46 12.83
CA ASN A 121 23.43 39.41 14.33
C ASN A 121 23.48 38.04 14.95
N GLY A 128 20.35 35.34 15.95
CA GLY A 128 20.28 36.05 14.68
C GLY A 128 19.02 35.96 13.80
N THR A 129 18.90 36.83 12.79
CA THR A 129 17.75 36.89 11.90
C THR A 129 18.18 36.80 10.46
N VAL A 130 17.20 36.55 9.59
CA VAL A 130 17.49 36.31 8.22
C VAL A 130 16.84 37.42 7.39
N VAL A 131 17.68 38.15 6.68
CA VAL A 131 17.27 39.36 6.02
C VAL A 131 17.86 39.54 4.64
N GLY A 132 17.33 40.52 3.92
CA GLY A 132 17.88 40.91 2.66
C GLY A 132 18.86 42.09 2.95
N TRP A 133 20.02 42.07 2.31
CA TRP A 133 21.05 43.09 2.51
C TRP A 133 21.82 43.24 1.23
N GLN A 134 22.31 44.46 1.00
CA GLN A 134 23.24 44.66 -0.10
C GLN A 134 24.52 43.82 0.04
N ASN A 135 25.29 43.72 -1.03
CA ASN A 135 26.52 42.94 -1.00
C ASN A 135 27.41 43.31 0.17
N ILE A 136 27.83 42.30 0.94
CA ILE A 136 28.75 42.48 2.06
C ILE A 136 30.03 41.78 1.70
N THR A 137 31.15 42.48 1.85
CA THR A 137 32.39 41.85 1.47
C THR A 137 33.37 41.64 2.66
N ASN A 138 33.08 42.15 3.84
CA ASN A 138 33.98 42.00 4.98
C ASN A 138 33.58 40.89 5.94
N ASN A 139 32.52 40.16 5.59
CA ASN A 139 32.22 38.97 6.30
C ASN A 139 31.49 38.02 5.38
N THR A 140 31.33 36.80 5.86
CA THR A 140 30.67 35.68 5.13
C THR A 140 29.22 35.46 5.49
N SER A 141 28.55 36.45 6.04
CA SER A 141 27.16 36.35 6.49
C SER A 141 26.15 36.09 5.37
N GLN A 142 26.53 36.35 4.13
CA GLN A 142 25.71 36.06 2.93
C GLN A 142 26.08 34.75 2.21
N ASN A 143 26.91 33.91 2.82
CA ASN A 143 27.41 32.72 2.18
C ASN A 143 26.67 31.53 2.79
N TRP A 144 26.30 30.59 1.91
CA TRP A 144 25.42 29.49 2.33
C TRP A 144 25.93 28.22 1.73
N THR A 145 25.73 27.10 2.45
CA THR A 145 26.08 25.77 1.93
C THR A 145 24.80 25.02 1.80
N PHE A 146 24.82 24.12 0.82
CA PHE A 146 23.60 23.40 0.41
C PHE A 146 23.94 21.91 0.51
N GLN A 147 23.14 21.15 1.30
CA GLN A 147 23.28 19.73 1.34
C GLN A 147 22.07 19.11 0.60
N LYS A 148 22.34 18.43 -0.50
CA LYS A 148 21.25 17.80 -1.30
C LYS A 148 20.70 16.59 -0.57
N LEU A 149 19.38 16.54 -0.47
CA LEU A 149 18.65 15.49 0.23
C LEU A 149 17.72 14.74 -0.70
N SER A 150 17.74 15.10 -1.98
CA SER A 150 16.87 14.47 -2.98
C SER A 150 17.62 13.73 -4.02
N GLN A 151 16.89 12.89 -4.77
CA GLN A 151 17.32 12.20 -5.96
C GLN A 151 16.22 12.32 -7.03
N THR A 152 16.63 12.58 -8.29
CA THR A 152 15.69 12.48 -9.40
C THR A 152 15.28 11.00 -9.62
N GLY A 153 14.20 10.84 -10.36
CA GLY A 153 13.85 9.47 -10.76
C GLY A 153 14.98 8.80 -11.54
N ALA A 154 15.68 9.56 -12.38
CA ALA A 154 16.78 8.98 -13.16
C ALA A 154 17.92 8.59 -12.21
N ASN A 155 18.22 9.45 -11.20
CA ASN A 155 19.27 9.15 -10.22
C ASN A 155 19.00 7.78 -9.58
N VAL A 156 17.78 7.60 -9.04
CA VAL A 156 17.46 6.38 -8.29
C VAL A 156 17.46 5.18 -9.23
N HIS A 157 16.95 5.35 -10.45
CA HIS A 157 16.87 4.28 -11.43
C HIS A 157 18.28 3.80 -11.73
N ALA A 158 19.22 4.76 -11.89
CA ALA A 158 20.58 4.33 -12.20
C ALA A 158 21.22 3.60 -10.99
N THR A 159 20.99 4.10 -9.78
CA THR A 159 21.49 3.45 -8.58
C THR A 159 20.94 2.04 -8.47
N LEU A 160 19.64 1.95 -8.67
CA LEU A 160 18.94 0.66 -8.60
CA LEU A 160 18.97 0.65 -8.56
C LEU A 160 19.59 -0.35 -9.52
N LEU A 161 19.79 0.02 -10.79
CA LEU A 161 20.41 -0.85 -11.76
C LEU A 161 21.85 -1.23 -11.51
N ALA A 162 22.59 -0.46 -10.74
CA ALA A 162 23.93 -0.79 -10.35
C ALA A 162 23.94 -1.60 -9.05
N CYS A 163 22.77 -1.91 -8.48
CA CYS A 163 22.68 -2.60 -7.18
C CYS A 163 23.18 -4.03 -7.37
N PRO A 164 23.99 -4.55 -6.45
CA PRO A 164 24.42 -5.98 -6.62
C PRO A 164 23.41 -7.03 -6.16
N ALA A 165 22.23 -6.67 -5.71
CA ALA A 165 21.29 -7.65 -5.12
C ALA A 165 20.08 -7.83 -6.07
N LEU A 166 20.34 -7.86 -7.39
CA LEU A 166 19.32 -8.04 -8.44
C LEU A 166 19.41 -9.40 -9.11
N ARG A 167 18.25 -10.01 -9.36
CA ARG A 167 18.22 -11.19 -10.19
C ARG A 167 18.37 -10.74 -11.65
N GLN A 168 18.85 -11.63 -12.51
CA GLN A 168 19.16 -11.24 -13.92
C GLN A 168 17.94 -10.71 -14.73
N ASP A 169 16.75 -11.20 -14.43
CA ASP A 169 15.46 -10.71 -15.08
C ASP A 169 14.82 -9.51 -14.38
N PHE A 170 15.51 -8.84 -13.48
CA PHE A 170 14.95 -7.68 -12.76
C PHE A 170 14.39 -6.62 -13.68
N LYS A 171 13.21 -6.13 -13.28
CA LYS A 171 12.53 -5.04 -13.97
C LYS A 171 12.01 -4.10 -12.85
N SER A 172 12.09 -2.80 -13.09
CA SER A 172 11.65 -1.81 -12.16
C SER A 172 10.79 -0.75 -12.82
N TYR A 173 9.93 -0.14 -12.01
CA TYR A 173 9.00 0.87 -12.49
C TYR A 173 9.02 2.01 -11.48
N LEU A 174 8.94 3.26 -11.94
CA LEU A 174 8.93 4.34 -11.01
C LEU A 174 7.78 5.29 -11.29
N SER A 175 7.42 6.04 -10.26
CA SER A 175 6.20 6.82 -10.30
C SER A 175 6.39 8.30 -10.27
N ASP A 176 7.56 8.80 -9.82
CA ASP A 176 7.69 10.25 -9.57
C ASP A 176 9.06 10.72 -10.02
N GLY A 177 9.16 12.01 -10.34
CA GLY A 177 10.38 12.51 -10.98
C GLY A 177 11.39 13.10 -10.02
N LEU A 178 11.00 13.34 -8.79
CA LEU A 178 11.89 13.89 -7.73
C LEU A 178 11.48 13.26 -6.40
N TYR A 179 12.46 12.73 -5.70
CA TYR A 179 12.28 12.11 -4.42
C TYR A 179 13.08 12.77 -3.29
N LEU A 180 12.44 12.93 -2.13
CA LEU A 180 13.12 13.16 -0.84
C LEU A 180 13.62 11.84 -0.35
N VAL A 181 14.87 11.82 0.03
CA VAL A 181 15.47 10.70 0.72
C VAL A 181 15.30 10.92 2.21
N LEU A 182 14.58 9.99 2.84
CA LEU A 182 14.32 10.10 4.28
C LEU A 182 15.49 9.61 5.08
N THR A 183 15.58 10.08 6.29
CA THR A 183 16.51 9.52 7.26
C THR A 183 15.98 8.21 7.86
N ARG A 184 16.84 7.42 8.42
CA ARG A 184 16.37 6.28 9.22
C ARG A 184 15.52 6.67 10.37
N ASP A 185 15.80 7.79 11.01
CA ASP A 185 14.89 8.21 12.09
C ASP A 185 13.47 8.40 11.56
N GLN A 186 13.38 8.99 10.36
CA GLN A 186 12.05 9.25 9.80
C GLN A 186 11.35 7.95 9.44
N ILE A 187 12.08 7.09 8.76
CA ILE A 187 11.54 5.77 8.29
C ILE A 187 11.09 4.98 9.48
N SER A 188 11.94 4.88 10.51
CA SER A 188 11.55 4.16 11.68
C SER A 188 10.35 4.76 12.41
N SER A 189 10.24 6.10 12.45
CA SER A 189 9.05 6.73 13.05
CA SER A 189 9.08 6.71 13.04
C SER A 189 7.77 6.39 12.29
N ILE A 190 7.87 6.35 10.97
CA ILE A 190 6.71 5.96 10.14
C ILE A 190 6.33 4.52 10.40
N TRP A 191 7.38 3.69 10.47
CA TRP A 191 7.19 2.28 10.75
C TRP A 191 6.58 2.05 12.13
N GLN A 192 7.10 2.64 13.19
CA GLN A 192 6.48 2.61 14.51
CA GLN A 192 6.43 2.45 14.46
C GLN A 192 5.02 3.03 14.56
N ALA A 193 4.68 4.05 13.81
CA ALA A 193 3.34 4.57 13.76
C ALA A 193 2.42 3.63 12.92
N SER A 194 3.02 2.73 12.10
CA SER A 194 2.25 1.95 11.10
C SER A 194 1.43 0.85 11.75
N GLY A 195 1.86 0.44 12.93
CA GLY A 195 1.33 -0.72 13.58
C GLY A 195 1.72 -2.07 12.97
N LEU A 196 2.63 -2.08 12.00
CA LEU A 196 3.01 -3.35 11.37
C LEU A 196 3.80 -4.25 12.27
N GLY A 197 4.56 -3.69 13.18
CA GLY A 197 5.40 -4.54 14.01
C GLY A 197 4.61 -5.36 15.02
N SER A 198 3.38 -4.93 15.34
CA SER A 198 2.52 -5.66 16.25
C SER A 198 1.47 -6.47 15.44
N THR A 199 1.56 -6.48 14.10
CA THR A 199 0.67 -7.29 13.24
C THR A 199 1.29 -8.66 12.99
N PRO A 200 0.57 -9.74 13.38
CA PRO A 200 1.10 -11.08 13.16
C PRO A 200 1.14 -11.46 11.73
N TRP A 201 2.17 -12.13 11.33
CA TRP A 201 2.28 -12.69 9.98
C TRP A 201 1.21 -13.76 9.83
N ARG A 202 0.50 -13.75 8.72
CA ARG A 202 -0.43 -14.85 8.41
C ARG A 202 -0.39 -15.21 6.94
N SER A 203 -0.45 -16.52 6.67
CA SER A 203 -0.30 -17.07 5.31
C SER A 203 -1.34 -16.41 4.39
N GLU A 204 -0.82 -15.76 3.37
CA GLU A 204 -1.53 -15.12 2.27
C GLU A 204 -2.30 -13.85 2.63
N ILE A 205 -3.09 -13.96 3.67
CA ILE A 205 -4.00 -12.92 4.11
C ILE A 205 -3.22 -11.71 4.68
N PHE A 206 -2.06 -11.94 5.29
CA PHE A 206 -1.21 -10.76 5.63
C PHE A 206 0.21 -11.24 5.79
N ASP A 207 0.81 -11.49 4.66
CA ASP A 207 2.15 -12.08 4.59
C ASP A 207 3.08 -11.03 3.95
N CYS A 208 4.25 -11.43 3.51
CA CYS A 208 5.31 -10.48 3.22
C CYS A 208 4.87 -9.40 2.21
N ASP A 209 4.16 -9.80 1.12
CA ASP A 209 3.69 -8.84 0.14
C ASP A 209 2.84 -7.74 0.77
N ASP A 210 2.01 -8.12 1.75
CA ASP A 210 1.19 -7.17 2.45
C ASP A 210 2.00 -6.23 3.31
N PHE A 211 2.97 -6.75 4.09
CA PHE A 211 3.77 -5.86 4.90
C PHE A 211 4.47 -4.79 4.03
N ALA A 212 5.00 -5.24 2.90
CA ALA A 212 5.82 -4.37 2.06
C ALA A 212 4.92 -3.34 1.33
N THR A 213 3.79 -3.79 0.84
CA THR A 213 2.83 -2.90 0.19
C THR A 213 2.22 -1.90 1.16
N VAL A 214 1.73 -2.36 2.31
CA VAL A 214 1.15 -1.52 3.33
C VAL A 214 2.16 -0.47 3.81
N PHE A 215 3.38 -0.91 4.06
CA PHE A 215 4.41 0.03 4.55
C PHE A 215 4.69 1.12 3.47
N LYS A 216 4.78 0.73 2.20
CA LYS A 216 5.00 1.76 1.14
C LYS A 216 3.89 2.75 1.17
N GLY A 217 2.66 2.25 1.31
CA GLY A 217 1.54 3.16 1.47
C GLY A 217 1.58 4.02 2.72
N ALA A 218 2.07 3.48 3.83
CA ALA A 218 2.22 4.26 5.04
C ALA A 218 3.17 5.43 4.83
N VAL A 219 4.26 5.21 4.08
CA VAL A 219 5.19 6.27 3.84
C VAL A 219 4.48 7.40 3.00
N ALA A 220 3.73 6.98 1.96
CA ALA A 220 3.03 7.95 1.16
C ALA A 220 2.03 8.77 1.96
N LYS A 221 1.28 8.12 2.87
CA LYS A 221 0.30 8.84 3.66
CA LYS A 221 0.29 8.82 3.68
C LYS A 221 0.97 9.84 4.61
N TRP A 222 2.11 9.43 5.16
CA TRP A 222 2.85 10.29 6.07
C TRP A 222 3.38 11.54 5.31
N GLY A 223 3.82 11.35 4.05
CA GLY A 223 4.19 12.47 3.23
C GLY A 223 3.05 13.41 3.02
N ASN A 224 1.87 12.85 2.72
CA ASN A 224 0.72 13.68 2.45
C ASN A 224 0.31 14.45 3.68
N GLU A 225 0.43 13.83 4.87
CA GLU A 225 0.03 14.46 6.11
CA GLU A 225 0.02 14.46 6.11
C GLU A 225 1.01 15.57 6.47
N ASN A 226 2.25 15.45 6.06
CA ASN A 226 3.30 16.36 6.61
C ASN A 226 3.85 17.39 5.71
N PHE A 227 3.64 17.27 4.41
CA PHE A 227 4.23 18.24 3.44
C PHE A 227 3.16 18.92 2.63
N LYS A 228 3.06 20.22 2.78
CA LYS A 228 2.11 21.05 2.03
C LYS A 228 2.56 21.42 0.63
N ALA A 229 3.88 21.37 0.37
CA ALA A 229 4.39 21.54 -0.97
C ALA A 229 4.06 20.32 -1.79
N ASN A 230 4.02 20.53 -3.10
CA ASN A 230 3.89 19.43 -4.08
C ASN A 230 5.20 19.31 -4.85
N GLY A 231 5.26 18.48 -5.89
CA GLY A 231 6.43 18.46 -6.77
C GLY A 231 7.58 17.57 -6.35
N PHE A 232 7.32 16.73 -5.35
CA PHE A 232 8.26 15.71 -4.98
C PHE A 232 7.48 14.57 -4.26
N ALA A 233 8.11 13.40 -4.21
CA ALA A 233 7.60 12.24 -3.50
C ALA A 233 8.63 11.79 -2.47
N LEU A 234 8.17 10.93 -1.55
CA LEU A 234 9.08 10.25 -0.61
C LEU A 234 9.56 8.97 -1.17
N LEU A 235 10.89 8.74 -1.16
CA LEU A 235 11.41 7.46 -1.63
C LEU A 235 11.08 6.31 -0.66
N CYS A 236 10.27 5.36 -1.16
CA CYS A 236 10.06 4.10 -0.46
C CYS A 236 9.86 3.00 -1.45
N GLY A 237 10.90 2.20 -1.60
CA GLY A 237 10.94 1.17 -2.61
C GLY A 237 10.21 -0.11 -2.11
N LEU A 238 9.65 -0.83 -3.05
CA LEU A 238 9.11 -2.18 -2.87
CA LEU A 238 9.14 -2.18 -2.85
C LEU A 238 9.92 -3.11 -3.79
N MET A 239 10.26 -4.31 -3.30
CA MET A 239 10.92 -5.32 -4.09
C MET A 239 10.27 -6.68 -3.80
N PHE A 240 10.23 -7.47 -4.84
CA PHE A 240 10.06 -8.92 -4.72
C PHE A 240 11.38 -9.52 -5.13
N GLY A 241 11.83 -10.51 -4.34
CA GLY A 241 13.08 -11.20 -4.67
C GLY A 241 13.09 -12.64 -4.26
N SER A 242 14.12 -13.36 -4.71
CA SER A 242 14.16 -14.77 -4.43
C SER A 242 15.56 -15.27 -4.13
N LYS A 243 15.60 -16.46 -3.52
CA LYS A 243 16.87 -17.19 -3.29
C LYS A 243 16.48 -18.68 -3.21
N SER A 244 17.44 -19.57 -2.97
CA SER A 244 17.13 -20.98 -3.04
CA SER A 244 17.16 -21.00 -2.99
C SER A 244 16.03 -21.42 -2.06
N SER A 245 15.94 -20.85 -0.88
CA SER A 245 14.93 -21.25 0.06
C SER A 245 13.52 -20.68 -0.26
N GLY A 246 13.43 -19.62 -1.05
CA GLY A 246 12.13 -19.06 -1.37
C GLY A 246 12.19 -17.62 -1.79
N ALA A 247 11.03 -16.99 -1.79
CA ALA A 247 10.86 -15.64 -2.34
C ALA A 247 10.15 -14.80 -1.29
N HIS A 248 10.39 -13.49 -1.33
CA HIS A 248 10.03 -12.61 -0.26
C HIS A 248 9.82 -11.20 -0.81
N ALA A 249 8.93 -10.48 -0.18
CA ALA A 249 8.67 -9.07 -0.40
C ALA A 249 9.22 -8.23 0.68
N TYR A 250 9.81 -7.10 0.32
CA TYR A 250 10.51 -6.23 1.28
C TYR A 250 10.64 -4.84 0.68
N ASN A 251 11.17 -3.87 1.45
CA ASN A 251 11.24 -2.49 1.03
C ASN A 251 12.68 -2.10 0.86
N TRP A 252 12.93 -0.99 0.23
CA TRP A 252 14.31 -0.53 0.04
C TRP A 252 14.33 0.96 -0.09
N PHE A 253 15.54 1.50 0.09
CA PHE A 253 15.81 2.91 0.11
C PHE A 253 17.21 3.17 -0.43
N VAL A 254 17.56 4.44 -0.62
CA VAL A 254 18.98 4.86 -0.70
C VAL A 254 19.17 5.75 0.49
N GLU A 255 20.42 5.98 0.92
CA GLU A 255 20.63 6.83 2.07
CA GLU A 255 20.53 6.91 2.00
C GLU A 255 21.38 8.13 1.80
N ARG A 256 21.07 9.11 2.62
CA ARG A 256 21.69 10.47 2.54
C ARG A 256 23.13 10.44 2.56
N GLY A 257 23.74 9.59 3.35
CA GLY A 257 25.23 9.64 3.31
C GLY A 257 25.88 9.07 2.03
N ASN A 258 25.14 8.28 1.25
CA ASN A 258 25.63 7.67 0.05
C ASN A 258 24.50 7.22 -0.84
N PHE A 259 24.11 8.13 -1.68
CA PHE A 259 22.96 7.91 -2.53
C PHE A 259 23.09 6.73 -3.49
N SER A 260 24.29 6.26 -3.75
CA SER A 260 24.53 5.20 -4.72
CA SER A 260 24.53 5.22 -4.73
C SER A 260 24.39 3.84 -4.08
N THR A 261 24.10 3.78 -2.78
CA THR A 261 23.93 2.50 -2.12
C THR A 261 22.49 2.21 -1.81
N VAL A 262 22.03 1.05 -2.24
CA VAL A 262 20.64 0.63 -1.91
C VAL A 262 20.66 -0.11 -0.56
N THR A 263 19.79 0.27 0.34
CA THR A 263 19.65 -0.35 1.65
C THR A 263 18.23 -1.03 1.66
N PHE A 264 18.12 -2.11 2.43
CA PHE A 264 16.91 -2.90 2.45
C PHE A 264 16.26 -2.83 3.81
N PHE A 265 14.91 -3.00 3.81
CA PHE A 265 14.14 -2.79 4.99
C PHE A 265 13.08 -3.85 5.07
N GLU A 266 12.94 -4.44 6.25
CA GLU A 266 12.00 -5.55 6.50
C GLU A 266 10.78 -4.95 7.20
N PRO A 267 9.67 -4.78 6.48
CA PRO A 267 8.49 -4.14 7.11
C PRO A 267 7.80 -4.97 8.21
N GLN A 268 8.17 -6.22 8.36
CA GLN A 268 7.58 -7.05 9.47
C GLN A 268 8.17 -6.72 10.80
N ASN A 269 9.41 -6.20 10.81
CA ASN A 269 10.12 -5.95 12.08
C ASN A 269 10.94 -4.67 12.14
N GLY A 270 10.88 -3.85 11.10
CA GLY A 270 11.53 -2.53 11.11
C GLY A 270 13.04 -2.54 11.10
N THR A 271 13.66 -3.63 10.64
CA THR A 271 15.11 -3.73 10.58
C THR A 271 15.60 -3.46 9.17
N TYR A 272 16.84 -2.95 9.14
CA TYR A 272 17.52 -2.66 7.89
C TYR A 272 18.53 -3.80 7.63
N SER A 273 18.86 -3.99 6.37
CA SER A 273 19.91 -4.95 5.96
CA SER A 273 19.96 -4.89 6.01
C SER A 273 20.68 -4.32 4.79
N ALA A 274 22.00 -4.44 4.78
CA ALA A 274 22.73 -4.02 3.62
C ALA A 274 22.71 -5.05 2.44
N ASN A 275 22.38 -6.30 2.71
CA ASN A 275 22.48 -7.28 1.60
CA ASN A 275 22.51 -7.42 1.77
C ASN A 275 21.17 -8.04 1.37
N ALA A 276 20.06 -7.41 1.78
CA ALA A 276 18.71 -7.95 1.46
C ALA A 276 18.43 -9.39 1.87
N TRP A 277 19.03 -9.85 3.00
CA TRP A 277 18.78 -11.19 3.49
C TRP A 277 19.01 -12.26 2.37
N ASP A 278 20.00 -12.00 1.49
CA ASP A 278 20.34 -12.88 0.37
C ASP A 278 19.29 -13.02 -0.72
N TYR A 279 18.31 -12.12 -0.74
CA TYR A 279 17.31 -12.16 -1.77
C TYR A 279 17.85 -11.42 -2.95
N LYS A 280 17.58 -11.94 -4.15
CA LYS A 280 17.89 -11.27 -5.40
C LYS A 280 16.59 -10.76 -6.05
N ALA A 281 16.46 -9.45 -6.17
CA ALA A 281 15.21 -8.84 -6.59
C ALA A 281 14.89 -9.14 -8.03
N TYR A 282 13.63 -9.52 -8.30
CA TYR A 282 13.14 -9.63 -9.68
C TYR A 282 12.16 -8.52 -10.10
N PHE A 283 11.69 -7.77 -9.10
CA PHE A 283 10.74 -6.72 -9.29
C PHE A 283 10.99 -5.57 -8.32
N GLY A 284 11.05 -4.36 -8.87
CA GLY A 284 11.21 -3.18 -8.04
C GLY A 284 10.19 -2.10 -8.38
N LEU A 285 9.65 -1.44 -7.36
CA LEU A 285 8.69 -0.35 -7.57
C LEU A 285 9.07 0.82 -6.63
N PHE A 286 9.08 2.06 -7.17
CA PHE A 286 9.35 3.20 -6.33
C PHE A 286 8.77 4.49 -6.89
N SER B 2 -20.72 -24.54 -8.98
CA SER B 2 -20.45 -25.93 -8.71
C SER B 2 -19.21 -26.00 -7.84
N PHE B 3 -19.14 -27.07 -7.10
CA PHE B 3 -18.02 -27.33 -6.26
C PHE B 3 -16.82 -27.77 -7.09
N GLN B 4 -15.68 -27.16 -6.83
CA GLN B 4 -14.49 -27.37 -7.63
C GLN B 4 -13.25 -27.60 -6.78
N GLY B 5 -13.47 -28.17 -5.61
CA GLY B 5 -12.39 -28.44 -4.65
C GLY B 5 -11.91 -27.17 -3.96
N HIS B 6 -10.62 -27.15 -3.65
CA HIS B 6 -10.02 -25.99 -2.95
C HIS B 6 -10.55 -24.64 -3.42
N GLY B 7 -11.11 -23.82 -2.53
CA GLY B 7 -11.72 -22.55 -2.93
C GLY B 7 -12.55 -21.93 -1.84
N ILE B 8 -13.15 -20.80 -2.13
CA ILE B 8 -14.05 -20.10 -1.19
C ILE B 8 -15.39 -20.08 -1.86
N TYR B 9 -16.43 -20.41 -1.09
CA TYR B 9 -17.75 -20.65 -1.63
C TYR B 9 -18.86 -20.12 -0.76
N TYR B 10 -19.99 -19.79 -1.38
CA TYR B 10 -21.29 -19.81 -0.66
C TYR B 10 -21.77 -21.25 -0.73
N ILE B 11 -22.35 -21.70 0.35
CA ILE B 11 -22.95 -23.05 0.39
C ILE B 11 -24.45 -22.79 0.57
N ALA B 12 -25.24 -23.00 -0.48
CA ALA B 12 -26.66 -22.68 -0.42
C ALA B 12 -27.47 -23.97 -0.38
N SER B 13 -28.59 -23.89 0.28
CA SER B 13 -29.55 -25.05 0.30
C SER B 13 -30.19 -25.24 -1.06
N ALA B 14 -30.24 -26.48 -1.58
CA ALA B 14 -31.05 -26.71 -2.78
C ALA B 14 -32.47 -27.06 -2.38
N TYR B 15 -32.75 -27.17 -1.08
CA TYR B 15 -34.07 -27.56 -0.59
C TYR B 15 -35.04 -26.40 -0.52
N VAL B 16 -34.56 -25.23 -0.11
CA VAL B 16 -35.38 -24.01 -0.12
C VAL B 16 -34.59 -22.87 -0.74
N ALA B 17 -35.28 -21.93 -1.36
CA ALA B 17 -34.62 -20.85 -2.06
C ALA B 17 -34.06 -19.77 -1.13
N ASN B 18 -33.13 -19.02 -1.70
CA ASN B 18 -32.60 -17.84 -1.05
C ASN B 18 -31.93 -18.06 0.31
N THR B 19 -31.39 -19.26 0.49
CA THR B 19 -30.93 -19.68 1.80
C THR B 19 -29.54 -20.29 1.67
N ARG B 20 -28.62 -19.75 2.44
CA ARG B 20 -27.25 -20.30 2.49
C ARG B 20 -26.70 -20.34 3.91
N LEU B 21 -25.57 -21.04 4.06
CA LEU B 21 -25.01 -21.29 5.34
C LEU B 21 -24.18 -20.12 5.80
N ALA B 22 -24.25 -19.84 7.09
CA ALA B 22 -23.40 -18.83 7.71
C ALA B 22 -23.08 -19.30 9.14
N LEU B 23 -22.13 -18.64 9.80
CA LEU B 23 -21.83 -18.92 11.19
C LEU B 23 -22.38 -17.81 12.08
N SER B 24 -23.10 -18.21 13.12
CA SER B 24 -23.60 -17.34 14.14
C SER B 24 -22.50 -16.55 14.75
N GLU B 25 -22.79 -15.30 15.09
CA GLU B 25 -21.81 -14.51 15.89
C GLU B 25 -21.92 -14.64 17.41
N ASP B 26 -22.95 -15.39 17.88
CA ASP B 26 -23.19 -15.58 19.29
C ASP B 26 -22.69 -16.93 19.76
N SER B 27 -21.99 -16.88 20.86
CA SER B 27 -21.52 -18.12 21.53
C SER B 27 -21.39 -17.78 22.97
N SER B 28 -20.95 -18.69 23.81
CA SER B 28 -20.72 -18.38 25.23
C SER B 28 -19.69 -19.41 25.72
N ALA B 29 -19.30 -19.32 26.97
CA ALA B 29 -18.37 -20.30 27.53
C ALA B 29 -18.80 -21.71 27.21
N ASN B 30 -20.09 -21.94 27.31
CA ASN B 30 -20.56 -23.33 27.27
C ASN B 30 -21.34 -23.65 26.00
N LYS B 31 -21.37 -22.77 25.02
CA LYS B 31 -22.19 -22.95 23.78
C LYS B 31 -21.27 -22.51 22.58
N SER B 32 -21.04 -23.38 21.62
CA SER B 32 -20.31 -23.01 20.42
C SER B 32 -21.26 -22.25 19.47
N PRO B 33 -20.75 -21.38 18.57
CA PRO B 33 -21.60 -20.75 17.55
C PRO B 33 -22.15 -21.80 16.58
N ASP B 34 -23.44 -21.69 16.32
CA ASP B 34 -24.09 -22.62 15.39
C ASP B 34 -23.80 -22.22 13.96
N VAL B 35 -23.67 -23.22 13.09
CA VAL B 35 -23.84 -22.98 11.68
C VAL B 35 -25.33 -22.75 11.52
N ILE B 36 -25.73 -21.71 10.79
CA ILE B 36 -27.12 -21.26 10.69
C ILE B 36 -27.46 -20.99 9.23
N ILE B 37 -28.76 -20.91 8.96
CA ILE B 37 -29.24 -20.46 7.67
C ILE B 37 -29.18 -18.93 7.64
N SER B 38 -29.05 -18.41 6.43
CA SER B 38 -28.82 -17.01 6.15
C SER B 38 -29.51 -16.68 4.86
N SER B 39 -30.19 -15.54 4.83
CA SER B 39 -30.83 -15.03 3.62
CA SER B 39 -30.83 -15.08 3.60
C SER B 39 -29.78 -14.55 2.60
N ASP B 40 -29.92 -14.95 1.35
CA ASP B 40 -29.10 -14.38 0.30
C ASP B 40 -29.51 -12.94 -0.08
N ALA B 41 -30.49 -12.35 0.58
CA ALA B 41 -30.73 -10.90 0.35
C ALA B 41 -29.66 -10.08 1.04
N VAL B 42 -28.83 -10.66 1.92
CA VAL B 42 -27.77 -9.87 2.56
C VAL B 42 -26.48 -10.67 2.41
N ASP B 43 -25.33 -10.01 2.63
CA ASP B 43 -24.05 -10.63 2.28
C ASP B 43 -23.04 -10.56 3.39
N PRO B 44 -23.42 -10.96 4.61
CA PRO B 44 -22.49 -10.81 5.76
C PRO B 44 -21.28 -11.74 5.55
N LEU B 45 -20.10 -11.27 5.94
CA LEU B 45 -18.88 -11.95 5.57
C LEU B 45 -18.82 -13.41 6.14
N ASN B 46 -19.56 -13.67 7.23
CA ASN B 46 -19.65 -14.99 7.82
C ASN B 46 -20.48 -16.00 7.01
N ASN B 47 -20.90 -15.62 5.82
CA ASN B 47 -21.43 -16.58 4.84
C ASN B 47 -20.38 -17.20 3.94
N LEU B 48 -19.12 -16.86 4.15
CA LEU B 48 -18.07 -17.31 3.25
C LEU B 48 -17.37 -18.50 3.83
N TRP B 49 -17.22 -19.54 3.00
CA TRP B 49 -16.59 -20.79 3.46
C TRP B 49 -15.37 -21.15 2.66
N LEU B 50 -14.26 -21.31 3.38
CA LEU B 50 -12.97 -21.65 2.81
C LEU B 50 -12.79 -23.14 2.99
N ILE B 51 -12.75 -23.83 1.87
CA ILE B 51 -12.84 -25.29 1.78
C ILE B 51 -11.48 -25.75 1.32
N GLU B 52 -10.80 -26.48 2.18
CA GLU B 52 -9.41 -26.85 1.97
C GLU B 52 -9.21 -28.38 2.00
N PRO B 53 -8.51 -28.90 0.99
CA PRO B 53 -8.29 -30.35 0.90
C PRO B 53 -7.42 -30.81 2.03
N VAL B 54 -7.68 -31.99 2.57
CA VAL B 54 -6.81 -32.55 3.60
C VAL B 54 -6.04 -33.80 3.14
N GLY B 55 -5.90 -34.04 1.85
CA GLY B 55 -5.05 -35.15 1.34
C GLY B 55 -5.75 -36.52 1.43
N GLU B 56 -7.06 -36.56 1.37
CA GLU B 56 -7.83 -37.81 1.22
C GLU B 56 -8.91 -37.53 0.23
N ALA B 57 -9.21 -38.51 -0.59
CA ALA B 57 -10.13 -38.36 -1.71
C ALA B 57 -11.42 -37.60 -1.31
N ASP B 58 -11.70 -36.51 -2.01
CA ASP B 58 -12.91 -35.75 -1.80
CA ASP B 58 -12.93 -35.75 -1.80
C ASP B 58 -13.18 -35.28 -0.36
N THR B 59 -12.12 -35.11 0.45
CA THR B 59 -12.28 -34.77 1.83
C THR B 59 -11.66 -33.41 2.12
N TYR B 60 -12.37 -32.60 2.91
CA TYR B 60 -12.05 -31.18 3.08
C TYR B 60 -12.38 -30.73 4.47
N THR B 61 -11.64 -29.71 4.95
CA THR B 61 -12.15 -28.89 6.05
C THR B 61 -12.97 -27.78 5.39
N VAL B 62 -13.93 -27.28 6.15
CA VAL B 62 -14.84 -26.24 5.72
C VAL B 62 -14.76 -25.21 6.82
N ARG B 63 -14.04 -24.16 6.54
CA ARG B 63 -13.70 -23.11 7.53
C ARG B 63 -14.43 -21.82 7.26
N ASN B 64 -14.92 -21.19 8.31
CA ASN B 64 -15.59 -19.91 8.16
C ASN B 64 -14.51 -18.83 7.93
N ALA B 65 -14.49 -18.18 6.77
CA ALA B 65 -13.37 -17.26 6.46
C ALA B 65 -13.38 -16.14 7.52
N PHE B 66 -14.58 -15.66 7.87
CA PHE B 66 -14.72 -14.55 8.79
C PHE B 66 -14.26 -14.93 10.19
N ALA B 67 -14.91 -15.95 10.79
CA ALA B 67 -14.73 -16.28 12.20
C ALA B 67 -13.51 -17.16 12.46
N GLY B 68 -12.98 -17.78 11.44
CA GLY B 68 -11.86 -18.71 11.55
C GLY B 68 -12.21 -20.10 12.04
N SER B 69 -13.40 -20.23 12.61
CA SER B 69 -13.94 -21.48 13.18
C SER B 69 -14.13 -22.51 12.02
N TYR B 70 -13.99 -23.77 12.38
CA TYR B 70 -14.21 -24.89 11.49
C TYR B 70 -15.60 -25.50 11.69
N MET B 71 -16.25 -25.80 10.58
CA MET B 71 -17.55 -26.53 10.59
C MET B 71 -17.30 -27.89 11.24
N ASP B 72 -18.07 -28.19 12.27
CA ASP B 72 -17.74 -29.28 13.19
C ASP B 72 -19.07 -29.97 13.57
N LEU B 73 -19.06 -31.30 13.55
CA LEU B 73 -20.24 -32.08 13.95
C LEU B 73 -20.12 -32.31 15.48
N ALA B 74 -20.96 -31.63 16.24
CA ALA B 74 -20.83 -31.50 17.68
C ALA B 74 -20.69 -32.82 18.37
N GLY B 75 -19.64 -32.96 19.14
CA GLY B 75 -19.44 -34.15 19.94
C GLY B 75 -19.17 -35.45 19.14
N HIS B 76 -18.82 -35.32 17.87
CA HIS B 76 -18.56 -36.42 16.96
C HIS B 76 -19.79 -37.34 16.82
N ALA B 77 -20.99 -36.85 17.17
CA ALA B 77 -22.15 -37.74 17.30
C ALA B 77 -22.83 -37.99 15.90
N ALA B 78 -23.11 -39.28 15.69
CA ALA B 78 -23.77 -39.75 14.48
C ALA B 78 -25.28 -39.64 14.61
N THR B 79 -25.73 -39.35 15.80
CA THR B 79 -27.16 -39.29 16.06
CA THR B 79 -27.13 -39.21 16.16
C THR B 79 -27.83 -38.24 15.23
N ASP B 80 -29.05 -38.59 14.75
CA ASP B 80 -29.81 -37.62 13.97
C ASP B 80 -30.10 -36.36 14.79
N GLY B 81 -29.91 -35.21 14.15
CA GLY B 81 -30.23 -33.91 14.72
C GLY B 81 -29.12 -33.30 15.56
N THR B 82 -27.95 -33.92 15.52
CA THR B 82 -26.76 -33.37 16.15
C THR B 82 -26.37 -32.02 15.53
N ALA B 83 -26.05 -31.06 16.39
CA ALA B 83 -25.78 -29.67 15.95
C ALA B 83 -24.53 -29.68 15.10
N ILE B 84 -24.55 -28.80 14.11
CA ILE B 84 -23.38 -28.47 13.29
CA ILE B 84 -23.36 -28.49 13.36
C ILE B 84 -22.94 -27.07 13.81
N ILE B 85 -21.70 -26.95 14.24
CA ILE B 85 -21.21 -25.76 14.93
C ILE B 85 -19.92 -25.30 14.24
N GLY B 86 -19.42 -24.15 14.69
CA GLY B 86 -18.09 -23.69 14.37
C GLY B 86 -17.19 -23.90 15.59
N TYR B 87 -16.05 -24.56 15.40
CA TYR B 87 -15.20 -24.92 16.55
C TYR B 87 -13.74 -24.62 16.13
N ARG B 88 -12.88 -24.44 17.12
CA ARG B 88 -11.45 -24.34 16.88
C ARG B 88 -10.94 -25.58 16.20
N PRO B 89 -9.87 -25.45 15.42
CA PRO B 89 -9.37 -26.62 14.75
C PRO B 89 -8.85 -27.69 15.68
N THR B 90 -9.27 -28.95 15.45
CA THR B 90 -8.78 -30.05 16.28
C THR B 90 -8.00 -31.10 15.48
N GLY B 91 -8.08 -31.10 14.14
CA GLY B 91 -7.60 -32.22 13.36
C GLY B 91 -8.53 -33.45 13.43
N GLY B 92 -9.67 -33.37 14.11
CA GLY B 92 -10.55 -34.53 14.28
C GLY B 92 -11.32 -34.81 12.98
N ASP B 93 -11.80 -36.04 12.87
CA ASP B 93 -12.52 -36.46 11.69
C ASP B 93 -13.95 -35.84 11.62
N ASN B 94 -14.41 -35.33 12.76
CA ASN B 94 -15.70 -34.60 12.82
C ASN B 94 -15.55 -33.15 12.36
N GLN B 95 -14.38 -32.75 11.91
CA GLN B 95 -14.20 -31.48 11.12
C GLN B 95 -13.78 -31.73 9.67
N LYS B 96 -13.80 -32.99 9.22
CA LYS B 96 -13.50 -33.33 7.88
C LYS B 96 -14.79 -33.77 7.20
N TRP B 97 -14.92 -33.31 5.98
CA TRP B 97 -16.19 -33.37 5.21
C TRP B 97 -15.95 -33.90 3.80
N ILE B 98 -16.70 -34.93 3.43
CA ILE B 98 -16.62 -35.58 2.14
C ILE B 98 -17.70 -34.90 1.33
N ILE B 99 -17.29 -34.25 0.26
CA ILE B 99 -18.21 -33.47 -0.60
C ILE B 99 -18.26 -34.16 -1.93
N SER B 100 -19.45 -34.63 -2.31
CA SER B 100 -19.69 -35.50 -3.46
C SER B 100 -20.93 -35.03 -4.25
N GLN B 101 -21.03 -35.44 -5.53
CA GLN B 101 -22.01 -34.89 -6.56
C GLN B 101 -23.19 -35.84 -6.91
N TRP B 106 -25.06 -31.89 -5.08
CA TRP B 106 -23.97 -32.06 -4.00
C TRP B 106 -24.40 -32.41 -2.54
N LYS B 107 -23.65 -33.26 -1.88
CA LYS B 107 -23.88 -33.53 -0.46
C LYS B 107 -22.58 -33.30 0.35
N ILE B 108 -22.75 -33.09 1.67
CA ILE B 108 -21.64 -32.82 2.60
C ILE B 108 -21.74 -33.85 3.74
N LYS B 109 -20.79 -34.80 3.76
CA LYS B 109 -20.88 -35.91 4.69
C LYS B 109 -19.72 -35.86 5.66
N SER B 110 -20.04 -36.02 6.93
CA SER B 110 -18.98 -36.09 8.00
C SER B 110 -18.13 -37.34 7.83
N LYS B 111 -16.81 -37.17 7.77
CA LYS B 111 -15.91 -38.32 7.60
C LYS B 111 -16.06 -39.20 8.83
N GLU B 112 -16.28 -38.61 9.99
CA GLU B 112 -16.36 -39.42 11.20
C GLU B 112 -17.58 -40.30 11.21
N THR B 113 -18.74 -39.73 10.90
CA THR B 113 -20.01 -40.42 11.13
C THR B 113 -20.71 -40.97 9.94
N GLY B 114 -20.37 -40.55 8.72
CA GLY B 114 -21.20 -40.84 7.58
C GLY B 114 -22.53 -40.13 7.59
N THR B 115 -22.81 -39.24 8.55
CA THR B 115 -24.05 -38.45 8.50
C THR B 115 -23.85 -37.16 7.73
N PHE B 116 -24.94 -36.59 7.29
CA PHE B 116 -24.90 -35.49 6.30
C PHE B 116 -25.35 -34.19 6.88
N VAL B 117 -24.75 -33.10 6.39
CA VAL B 117 -25.23 -31.80 6.76
C VAL B 117 -26.66 -31.63 6.18
N THR B 118 -27.58 -31.23 7.03
CA THR B 118 -29.00 -31.29 6.76
C THR B 118 -29.69 -30.04 7.20
N LEU B 119 -30.56 -29.48 6.36
CA LEU B 119 -31.40 -28.33 6.73
C LEU B 119 -32.67 -28.91 7.35
N LEU B 120 -32.83 -28.75 8.63
CA LEU B 120 -33.99 -29.35 9.38
C LEU B 120 -35.07 -28.28 9.69
N ASN B 121 -36.33 -28.57 9.38
CA ASN B 121 -37.49 -27.67 9.66
C ASN B 121 -37.46 -26.34 8.90
N GLY B 128 -35.57 -22.69 10.10
CA GLY B 128 -34.68 -23.89 10.00
C GLY B 128 -33.32 -23.98 10.76
N THR B 129 -32.83 -25.20 11.06
CA THR B 129 -31.55 -25.41 11.72
C THR B 129 -30.67 -26.31 10.88
N VAL B 130 -29.36 -26.39 11.21
CA VAL B 130 -28.42 -27.13 10.41
C VAL B 130 -27.82 -28.19 11.26
N VAL B 131 -28.05 -29.44 10.89
CA VAL B 131 -27.75 -30.57 11.78
C VAL B 131 -27.14 -31.71 10.98
N GLY B 132 -26.53 -32.65 11.69
CA GLY B 132 -26.17 -33.92 11.06
C GLY B 132 -27.36 -34.88 11.14
N TRP B 133 -27.53 -35.65 10.08
CA TRP B 133 -28.64 -36.58 9.95
C TRP B 133 -28.20 -37.73 9.02
N GLN B 134 -28.71 -38.93 9.32
CA GLN B 134 -28.49 -40.04 8.40
C GLN B 134 -29.04 -39.73 6.99
N ASN B 135 -28.62 -40.51 6.04
CA ASN B 135 -29.12 -40.35 4.67
C ASN B 135 -30.64 -40.25 4.59
N ILE B 136 -31.09 -39.23 3.90
CA ILE B 136 -32.49 -38.95 3.65
C ILE B 136 -32.76 -39.11 2.18
N THR B 137 -33.78 -39.89 1.83
CA THR B 137 -34.14 -40.14 0.42
C THR B 137 -35.49 -39.52 0.02
N ASN B 138 -36.29 -39.10 1.00
CA ASN B 138 -37.65 -38.57 0.70
C ASN B 138 -37.76 -37.04 0.66
N ASN B 139 -36.61 -36.35 0.80
CA ASN B 139 -36.55 -34.95 0.49
C ASN B 139 -35.14 -34.52 0.12
N THR B 140 -34.98 -33.25 -0.24
CA THR B 140 -33.71 -32.75 -0.72
C THR B 140 -32.96 -31.92 0.33
N SER B 141 -33.31 -32.08 1.60
CA SER B 141 -32.76 -31.25 2.68
C SER B 141 -31.26 -31.43 2.87
N GLN B 142 -30.68 -32.51 2.34
CA GLN B 142 -29.25 -32.71 2.42
C GLN B 142 -28.49 -32.30 1.16
N ASN B 143 -29.19 -31.57 0.25
CA ASN B 143 -28.56 -31.22 -1.02
C ASN B 143 -28.23 -29.73 -0.93
N TRP B 144 -27.06 -29.42 -1.44
CA TRP B 144 -26.48 -28.04 -1.31
C TRP B 144 -25.90 -27.69 -2.68
N THR B 145 -25.86 -26.42 -2.99
CA THR B 145 -25.11 -25.90 -4.12
C THR B 145 -23.94 -25.10 -3.65
N PHE B 146 -22.89 -25.10 -4.44
CA PHE B 146 -21.67 -24.34 -4.12
C PHE B 146 -21.41 -23.31 -5.22
N GLN B 147 -21.29 -22.02 -4.84
CA GLN B 147 -20.92 -21.00 -5.79
C GLN B 147 -19.49 -20.58 -5.48
N LYS B 148 -18.58 -20.75 -6.42
CA LYS B 148 -17.16 -20.43 -6.21
C LYS B 148 -17.00 -18.94 -6.25
N LEU B 149 -16.32 -18.40 -5.27
CA LEU B 149 -16.08 -16.97 -5.15
C LEU B 149 -14.60 -16.66 -5.22
N SER B 150 -13.76 -17.66 -5.40
CA SER B 150 -12.28 -17.52 -5.43
C SER B 150 -11.70 -17.83 -6.81
N GLN B 151 -10.46 -17.35 -7.01
CA GLN B 151 -9.64 -17.63 -8.15
C GLN B 151 -8.25 -17.91 -7.66
N THR B 152 -7.59 -18.86 -8.28
CA THR B 152 -6.17 -19.06 -8.04
C THR B 152 -5.32 -17.95 -8.67
N GLY B 153 -4.10 -17.85 -8.15
CA GLY B 153 -3.13 -16.93 -8.77
C GLY B 153 -3.04 -17.23 -10.25
N ALA B 154 -2.88 -18.51 -10.62
CA ALA B 154 -2.76 -18.88 -12.05
C ALA B 154 -4.03 -18.47 -12.78
N ASN B 155 -5.21 -18.72 -12.18
CA ASN B 155 -6.47 -18.28 -12.82
C ASN B 155 -6.47 -16.76 -13.16
N VAL B 156 -6.12 -15.91 -12.17
CA VAL B 156 -6.17 -14.46 -12.38
C VAL B 156 -5.09 -14.07 -13.43
N HIS B 157 -3.89 -14.64 -13.36
CA HIS B 157 -2.85 -14.36 -14.36
CA HIS B 157 -2.82 -14.39 -14.37
C HIS B 157 -3.32 -14.60 -15.80
N ALA B 158 -3.95 -15.77 -16.01
CA ALA B 158 -4.52 -16.07 -17.30
C ALA B 158 -5.57 -15.04 -17.71
N THR B 159 -6.46 -14.74 -16.80
CA THR B 159 -7.45 -13.74 -17.06
C THR B 159 -6.82 -12.40 -17.50
N LEU B 160 -5.83 -12.03 -16.73
CA LEU B 160 -5.13 -10.76 -16.94
C LEU B 160 -4.43 -10.73 -18.29
N LEU B 161 -3.73 -11.79 -18.61
CA LEU B 161 -3.12 -11.90 -19.94
C LEU B 161 -4.06 -11.94 -21.10
N ALA B 162 -5.32 -12.34 -20.93
CA ALA B 162 -6.27 -12.38 -22.02
C ALA B 162 -7.11 -11.11 -22.19
N CYS B 163 -6.97 -10.15 -21.28
CA CYS B 163 -7.76 -8.92 -21.38
C CYS B 163 -7.21 -7.95 -22.44
N PRO B 164 -8.06 -7.03 -22.91
CA PRO B 164 -7.70 -6.19 -24.02
C PRO B 164 -6.95 -4.92 -23.56
N ALA B 165 -6.57 -4.82 -22.29
CA ALA B 165 -6.14 -3.49 -21.75
C ALA B 165 -4.62 -3.46 -21.52
N LEU B 166 -3.84 -4.28 -22.21
CA LEU B 166 -2.40 -4.37 -21.98
C LEU B 166 -1.59 -3.88 -23.17
N ARG B 167 -0.47 -3.26 -22.87
CA ARG B 167 0.59 -3.00 -23.83
C ARG B 167 1.35 -4.30 -24.09
N GLN B 168 2.11 -4.30 -25.18
CA GLN B 168 2.99 -5.42 -25.57
C GLN B 168 4.04 -5.71 -24.57
N ASP B 169 4.48 -4.67 -23.87
CA ASP B 169 5.51 -4.81 -22.88
C ASP B 169 5.02 -5.06 -21.46
N PHE B 170 3.73 -5.38 -21.34
CA PHE B 170 3.12 -5.56 -20.01
C PHE B 170 3.84 -6.65 -19.26
N LYS B 171 4.19 -6.38 -18.02
CA LYS B 171 4.63 -7.41 -17.06
C LYS B 171 3.82 -7.32 -15.78
N SER B 172 3.52 -8.47 -15.21
CA SER B 172 2.82 -8.53 -14.01
C SER B 172 3.53 -9.49 -13.04
N TYR B 173 3.18 -9.33 -11.78
CA TYR B 173 3.80 -10.04 -10.65
C TYR B 173 2.70 -10.48 -9.71
N LEU B 174 2.76 -11.74 -9.27
CA LEU B 174 1.73 -12.35 -8.51
C LEU B 174 2.25 -12.43 -7.08
N SER B 175 1.36 -12.21 -6.12
CA SER B 175 1.63 -12.17 -4.70
C SER B 175 1.24 -13.41 -3.88
N ASP B 176 0.08 -14.00 -4.20
CA ASP B 176 -0.55 -15.03 -3.41
C ASP B 176 -1.08 -16.13 -4.31
N GLY B 177 -1.51 -17.20 -3.68
CA GLY B 177 -2.00 -18.38 -4.40
C GLY B 177 -3.50 -18.50 -4.61
N LEU B 178 -4.30 -18.03 -3.64
CA LEU B 178 -5.73 -18.21 -3.67
C LEU B 178 -6.34 -16.89 -3.31
N TYR B 179 -7.18 -16.40 -4.20
CA TYR B 179 -7.80 -15.08 -4.01
C TYR B 179 -9.31 -15.15 -3.79
N LEU B 180 -9.80 -14.38 -2.82
CA LEU B 180 -11.24 -14.02 -2.74
C LEU B 180 -11.53 -12.88 -3.70
N VAL B 181 -12.57 -13.05 -4.47
CA VAL B 181 -13.02 -12.01 -5.40
C VAL B 181 -14.09 -11.25 -4.63
N LEU B 182 -13.87 -9.95 -4.43
CA LEU B 182 -14.79 -9.11 -3.70
C LEU B 182 -15.94 -8.64 -4.56
N THR B 183 -17.02 -8.25 -3.90
CA THR B 183 -18.12 -7.58 -4.57
C THR B 183 -17.85 -6.10 -4.68
N ARG B 184 -18.63 -5.48 -5.58
CA ARG B 184 -18.59 -4.02 -5.64
C ARG B 184 -18.99 -3.34 -4.38
N ASP B 185 -19.96 -3.87 -3.67
CA ASP B 185 -20.33 -3.28 -2.43
C ASP B 185 -19.19 -3.28 -1.47
N GLN B 186 -18.44 -4.40 -1.46
CA GLN B 186 -17.35 -4.50 -0.54
C GLN B 186 -16.18 -3.56 -0.90
N ILE B 187 -15.80 -3.54 -2.18
CA ILE B 187 -14.77 -2.66 -2.69
C ILE B 187 -15.14 -1.24 -2.38
N SER B 188 -16.35 -0.85 -2.74
CA SER B 188 -16.78 0.48 -2.41
C SER B 188 -16.81 0.83 -0.93
N SER B 189 -17.16 -0.10 -0.05
CA SER B 189 -17.21 0.21 1.37
CA SER B 189 -17.20 0.18 1.39
C SER B 189 -15.78 0.43 1.90
N ILE B 190 -14.83 -0.35 1.41
CA ILE B 190 -13.39 -0.18 1.78
C ILE B 190 -12.92 1.19 1.31
N TRP B 191 -13.28 1.55 0.08
CA TRP B 191 -12.86 2.79 -0.52
C TRP B 191 -13.46 3.97 0.23
N GLN B 192 -14.76 3.89 0.55
CA GLN B 192 -15.44 4.91 1.36
C GLN B 192 -14.71 5.06 2.69
N ALA B 193 -14.34 3.96 3.35
CA ALA B 193 -13.70 4.03 4.63
C ALA B 193 -12.27 4.58 4.57
N SER B 194 -11.62 4.50 3.40
CA SER B 194 -10.19 4.87 3.25
C SER B 194 -10.00 6.38 3.40
N GLY B 195 -10.99 7.16 3.06
CA GLY B 195 -10.89 8.60 3.02
C GLY B 195 -10.21 9.12 1.75
N LEU B 196 -9.80 8.23 0.84
CA LEU B 196 -9.26 8.66 -0.44
C LEU B 196 -10.11 9.67 -1.22
N GLY B 197 -11.44 9.53 -1.14
CA GLY B 197 -12.36 10.39 -1.87
C GLY B 197 -12.36 11.85 -1.44
N SER B 198 -11.97 12.08 -0.21
CA SER B 198 -11.83 13.44 0.35
CA SER B 198 -11.83 13.43 0.37
C SER B 198 -10.37 13.88 0.49
N THR B 199 -9.44 13.14 -0.10
CA THR B 199 -8.01 13.55 -0.07
C THR B 199 -7.76 14.30 -1.34
N PRO B 200 -7.25 15.57 -1.25
CA PRO B 200 -7.00 16.23 -2.54
C PRO B 200 -5.81 15.61 -3.34
N TRP B 201 -5.89 15.66 -4.67
CA TRP B 201 -4.86 15.25 -5.53
C TRP B 201 -3.77 16.30 -5.45
N ARG B 202 -2.53 15.84 -5.26
CA ARG B 202 -1.40 16.80 -5.35
C ARG B 202 -0.29 16.13 -6.08
N SER B 203 0.31 16.89 -7.00
CA SER B 203 1.30 16.37 -7.90
C SER B 203 2.49 15.79 -7.15
N GLU B 204 2.90 14.59 -7.55
CA GLU B 204 4.02 13.79 -6.91
C GLU B 204 3.78 13.32 -5.49
N ILE B 205 3.41 14.23 -4.59
CA ILE B 205 3.36 13.96 -3.19
C ILE B 205 2.12 13.11 -2.79
N PHE B 206 1.05 13.30 -3.53
CA PHE B 206 -0.11 12.43 -3.40
C PHE B 206 -0.95 12.45 -4.68
N ASP B 207 -0.42 11.73 -5.67
CA ASP B 207 -0.92 11.66 -7.01
C ASP B 207 -1.34 10.20 -7.38
N CYS B 208 -1.58 9.90 -8.66
CA CYS B 208 -2.30 8.66 -8.97
C CYS B 208 -1.56 7.45 -8.39
N ASP B 209 -0.24 7.45 -8.45
CA ASP B 209 0.47 6.35 -7.88
C ASP B 209 0.14 6.14 -6.41
N ASP B 210 -0.04 7.20 -5.66
CA ASP B 210 -0.28 7.11 -4.24
C ASP B 210 -1.72 6.63 -3.96
N PHE B 211 -2.68 7.18 -4.70
CA PHE B 211 -4.06 6.72 -4.57
C PHE B 211 -4.13 5.23 -4.84
N ALA B 212 -3.49 4.74 -5.91
CA ALA B 212 -3.61 3.35 -6.27
C ALA B 212 -2.88 2.40 -5.28
N THR B 213 -1.73 2.85 -4.84
CA THR B 213 -0.94 2.04 -3.90
C THR B 213 -1.59 2.04 -2.53
N VAL B 214 -2.04 3.19 -2.04
CA VAL B 214 -2.65 3.28 -0.74
C VAL B 214 -3.97 2.46 -0.76
N PHE B 215 -4.77 2.59 -1.81
CA PHE B 215 -6.02 1.80 -1.86
C PHE B 215 -5.72 0.30 -1.78
N LYS B 216 -4.72 -0.15 -2.53
CA LYS B 216 -4.30 -1.52 -2.49
C LYS B 216 -3.95 -2.00 -1.10
N GLY B 217 -3.23 -1.14 -0.39
CA GLY B 217 -2.98 -1.42 1.04
C GLY B 217 -4.19 -1.40 1.94
N ALA B 218 -5.12 -0.49 1.64
CA ALA B 218 -6.40 -0.45 2.39
C ALA B 218 -7.17 -1.78 2.29
N VAL B 219 -7.15 -2.38 1.09
CA VAL B 219 -7.88 -3.65 0.85
C VAL B 219 -7.14 -4.70 1.66
N ALA B 220 -5.81 -4.68 1.61
CA ALA B 220 -5.05 -5.71 2.35
C ALA B 220 -5.36 -5.62 3.88
N LYS B 221 -5.38 -4.41 4.45
CA LYS B 221 -5.66 -4.25 5.87
C LYS B 221 -7.08 -4.65 6.18
N TRP B 222 -8.02 -4.31 5.31
CA TRP B 222 -9.40 -4.76 5.51
C TRP B 222 -9.51 -6.30 5.60
N GLY B 223 -8.78 -6.95 4.70
CA GLY B 223 -8.70 -8.43 4.73
C GLY B 223 -8.15 -8.95 6.01
N ASN B 224 -7.03 -8.37 6.44
CA ASN B 224 -6.47 -8.79 7.72
C ASN B 224 -7.38 -8.56 8.90
N GLU B 225 -8.10 -7.49 8.84
CA GLU B 225 -8.92 -7.06 9.99
C GLU B 225 -10.29 -7.76 10.01
N ASN B 226 -10.74 -8.30 8.89
CA ASN B 226 -12.06 -8.93 8.89
C ASN B 226 -12.07 -10.42 8.71
N PHE B 227 -10.96 -11.06 8.36
CA PHE B 227 -10.96 -12.50 8.18
C PHE B 227 -9.99 -13.18 9.14
N LYS B 228 -10.53 -14.01 10.00
CA LYS B 228 -9.68 -14.75 10.99
C LYS B 228 -9.05 -16.00 10.42
N ALA B 229 -9.61 -16.49 9.32
CA ALA B 229 -8.94 -17.62 8.59
C ALA B 229 -7.70 -17.08 7.88
N ASN B 230 -6.74 -17.93 7.66
CA ASN B 230 -5.65 -17.66 6.76
C ASN B 230 -5.76 -18.46 5.45
N GLY B 231 -4.75 -18.39 4.59
CA GLY B 231 -4.67 -19.25 3.45
C GLY B 231 -5.35 -18.76 2.19
N PHE B 232 -5.70 -17.46 2.17
CA PHE B 232 -6.14 -16.80 0.95
C PHE B 232 -5.85 -15.28 1.10
N ALA B 233 -5.98 -14.59 -0.02
CA ALA B 233 -5.81 -13.15 -0.07
C ALA B 233 -6.97 -12.56 -0.76
N LEU B 234 -7.07 -11.25 -0.66
CA LEU B 234 -8.09 -10.49 -1.39
CA LEU B 234 -8.10 -10.49 -1.38
C LEU B 234 -7.52 -9.95 -2.68
N LEU B 235 -8.21 -10.17 -3.80
CA LEU B 235 -7.75 -9.64 -5.08
C LEU B 235 -7.92 -8.15 -5.16
N CYS B 236 -6.80 -7.42 -5.27
CA CYS B 236 -6.89 -5.99 -5.53
C CYS B 236 -5.67 -5.68 -6.38
N GLY B 237 -5.87 -5.51 -7.65
CA GLY B 237 -4.77 -5.21 -8.57
C GLY B 237 -4.32 -3.77 -8.57
N LEU B 238 -3.04 -3.60 -8.84
CA LEU B 238 -2.40 -2.31 -9.17
C LEU B 238 -1.98 -2.36 -10.62
N MET B 239 -2.25 -1.28 -11.38
CA MET B 239 -1.77 -1.18 -12.75
C MET B 239 -1.18 0.23 -12.96
N PHE B 240 -0.09 0.31 -13.69
CA PHE B 240 0.40 1.54 -14.31
C PHE B 240 0.20 1.34 -15.80
N GLY B 241 -0.43 2.33 -16.42
CA GLY B 241 -0.62 2.29 -17.85
C GLY B 241 -0.51 3.66 -18.48
N SER B 242 -0.59 3.67 -19.80
CA SER B 242 -0.44 4.90 -20.53
C SER B 242 -1.24 4.92 -21.77
N LYS B 243 -1.40 6.13 -22.26
CA LYS B 243 -1.80 6.26 -23.67
C LYS B 243 -1.06 7.43 -24.25
N SER B 244 -1.36 7.79 -25.49
CA SER B 244 -0.62 8.94 -26.11
C SER B 244 -0.68 10.24 -25.28
N SER B 245 -1.76 10.49 -24.54
CA SER B 245 -1.90 11.70 -23.76
C SER B 245 -1.36 11.75 -22.31
N GLY B 246 -0.83 10.61 -21.77
CA GLY B 246 -0.08 10.57 -20.50
C GLY B 246 -0.29 9.20 -19.83
N ALA B 247 0.21 9.10 -18.61
CA ALA B 247 0.28 7.84 -17.89
C ALA B 247 -0.46 7.92 -16.59
N HIS B 248 -0.98 6.76 -16.11
CA HIS B 248 -1.89 6.82 -14.95
C HIS B 248 -1.80 5.52 -14.22
N ALA B 249 -1.98 5.60 -12.89
CA ALA B 249 -2.06 4.48 -12.00
C ALA B 249 -3.45 4.30 -11.51
N TYR B 250 -3.88 3.02 -11.42
CA TYR B 250 -5.29 2.71 -11.09
C TYR B 250 -5.32 1.27 -10.62
N ASN B 251 -6.48 0.88 -10.17
CA ASN B 251 -6.64 -0.46 -9.62
C ASN B 251 -7.53 -1.33 -10.55
N TRP B 252 -7.59 -2.63 -10.24
CA TRP B 252 -8.31 -3.54 -11.07
C TRP B 252 -8.71 -4.79 -10.31
N PHE B 253 -9.72 -5.45 -10.86
CA PHE B 253 -10.38 -6.55 -10.20
C PHE B 253 -10.93 -7.49 -11.27
N VAL B 254 -11.41 -8.63 -10.81
CA VAL B 254 -12.27 -9.49 -11.65
C VAL B 254 -13.60 -9.51 -11.03
N GLU B 255 -14.60 -9.85 -11.84
CA GLU B 255 -15.98 -9.72 -11.47
C GLU B 255 -16.46 -11.05 -10.94
N ARG B 256 -17.24 -11.03 -9.88
CA ARG B 256 -17.94 -12.24 -9.45
C ARG B 256 -18.84 -12.90 -10.44
N GLY B 257 -19.54 -12.10 -11.22
CA GLY B 257 -20.46 -12.68 -12.27
C GLY B 257 -19.72 -13.25 -13.44
N ASN B 258 -18.45 -12.85 -13.61
CA ASN B 258 -17.68 -13.38 -14.70
C ASN B 258 -16.21 -13.17 -14.42
N PHE B 259 -15.54 -14.25 -14.03
CA PHE B 259 -14.22 -14.12 -13.51
C PHE B 259 -13.21 -13.78 -14.61
N SER B 260 -13.60 -13.92 -15.87
CA SER B 260 -12.73 -13.57 -17.00
CA SER B 260 -12.75 -13.60 -17.00
C SER B 260 -12.80 -12.09 -17.32
N THR B 261 -13.69 -11.34 -16.71
CA THR B 261 -13.80 -9.91 -17.01
C THR B 261 -12.86 -9.15 -16.03
N VAL B 262 -11.91 -8.39 -16.57
CA VAL B 262 -11.12 -7.44 -15.78
C VAL B 262 -11.83 -6.08 -15.74
N THR B 263 -12.10 -5.58 -14.55
CA THR B 263 -12.78 -4.31 -14.37
C THR B 263 -11.75 -3.36 -13.72
N PHE B 264 -11.84 -2.07 -14.05
CA PHE B 264 -10.88 -1.09 -13.55
C PHE B 264 -11.58 -0.17 -12.57
N PHE B 265 -10.77 0.34 -11.65
CA PHE B 265 -11.22 1.09 -10.53
C PHE B 265 -10.32 2.32 -10.34
N GLU B 266 -10.96 3.48 -10.21
CA GLU B 266 -10.26 4.75 -10.03
C GLU B 266 -10.23 5.11 -8.55
N PRO B 267 -9.07 4.95 -7.84
CA PRO B 267 -9.09 5.14 -6.41
C PRO B 267 -9.17 6.63 -5.95
N GLN B 268 -9.08 7.59 -6.87
CA GLN B 268 -9.34 8.98 -6.54
C GLN B 268 -10.81 9.28 -6.35
N ASN B 269 -11.72 8.49 -6.97
CA ASN B 269 -13.15 8.88 -6.88
C ASN B 269 -14.09 7.71 -6.81
N GLY B 270 -13.57 6.50 -6.67
CA GLY B 270 -14.44 5.34 -6.39
C GLY B 270 -15.25 4.82 -7.59
N THR B 271 -14.90 5.19 -8.82
CA THR B 271 -15.62 4.79 -10.01
C THR B 271 -14.97 3.62 -10.69
N TYR B 272 -15.79 2.91 -11.45
CA TYR B 272 -15.44 1.71 -12.12
C TYR B 272 -15.49 2.04 -13.59
N SER B 273 -14.66 1.35 -14.38
CA SER B 273 -14.60 1.51 -15.81
C SER B 273 -14.38 0.11 -16.42
N ALA B 274 -15.06 -0.17 -17.52
CA ALA B 274 -14.85 -1.38 -18.29
C ALA B 274 -13.66 -1.24 -19.23
N ASN B 275 -13.29 -0.01 -19.65
CA ASN B 275 -12.19 0.17 -20.66
C ASN B 275 -10.86 0.79 -20.12
N ALA B 276 -10.77 0.95 -18.81
CA ALA B 276 -9.52 1.51 -18.14
C ALA B 276 -9.26 2.96 -18.65
N TRP B 277 -10.34 3.66 -19.02
CA TRP B 277 -10.23 5.06 -19.53
C TRP B 277 -9.23 5.16 -20.69
N ASP B 278 -9.17 4.08 -21.48
CA ASP B 278 -8.25 3.98 -22.57
C ASP B 278 -6.77 3.83 -22.24
N TYR B 279 -6.43 3.65 -20.96
CA TYR B 279 -5.01 3.34 -20.66
C TYR B 279 -4.71 1.94 -20.99
N LYS B 280 -3.46 1.72 -21.39
CA LYS B 280 -2.99 0.40 -21.66
C LYS B 280 -1.84 0.14 -20.72
N ALA B 281 -1.95 -0.96 -19.99
CA ALA B 281 -1.03 -1.29 -18.90
C ALA B 281 0.35 -1.78 -19.32
N TYR B 282 1.37 -1.25 -18.64
CA TYR B 282 2.71 -1.80 -18.75
C TYR B 282 3.15 -2.56 -17.54
N PHE B 283 2.47 -2.36 -16.43
CA PHE B 283 2.82 -2.97 -15.17
C PHE B 283 1.54 -3.37 -14.42
N GLY B 284 1.50 -4.58 -13.92
CA GLY B 284 0.49 -5.00 -12.97
C GLY B 284 1.00 -5.77 -11.77
N LEU B 285 0.38 -5.58 -10.63
CA LEU B 285 0.72 -6.29 -9.40
C LEU B 285 -0.57 -6.77 -8.77
N PHE B 286 -0.63 -8.05 -8.34
CA PHE B 286 -1.82 -8.51 -7.64
C PHE B 286 -1.47 -9.67 -6.74
C1 GAL C . 3.82 42.09 -0.55
C2 GAL C . 4.47 41.17 -1.59
C3 GAL C . 4.56 39.71 -1.13
C4 GAL C . 5.06 39.63 0.33
C5 GAL C . 4.27 40.61 1.24
C6 GAL C . 4.73 40.66 2.69
O1 GAL C . 4.05 43.42 -1.02
O2 GAL C . 3.84 41.30 -2.90
O3 GAL C . 5.32 38.90 -2.07
O4 GAL C . 6.43 40.03 0.34
O5 GAL C . 4.39 41.93 0.75
O6 GAL C . 3.73 41.38 3.43
CA CA D . -0.72 -11.56 0.66
CA CA E . 2.01 -13.96 -0.60
C1 E64 F . 6.68 -14.08 3.21
O1 E64 F . 7.83 -14.26 3.70
O2 E64 F . 5.68 -13.88 3.89
C2 E64 F . 6.58 -13.97 1.70
C3 E64 F . 5.41 -14.85 1.26
O3 E64 F . 5.93 -16.21 1.52
C4 E64 F . 5.16 -14.74 -0.20
O4 E64 F . 4.16 -14.26 -0.68
N1 E64 F . 6.07 -15.24 -0.97
C6 E64 F . 6.12 -15.37 -2.41
C7 E64 F . 6.67 -14.22 -3.26
C8 E64 F . 6.58 -12.81 -2.70
C9 E64 F . 5.19 -12.35 -3.20
C10 E64 F . 7.72 -12.05 -3.37
C11 E64 F . 6.13 -16.76 -3.09
O5 E64 F . 7.09 -17.43 -2.71
O5 E64 F . 5.83 -17.69 -2.34
O5 E64 F . 5.68 -16.81 -4.24
N2 E64 F . 5.23 -17.18 -4.04
N2 E64 F . 6.45 -16.95 -4.39
N2 E64 F . 6.58 -17.89 -2.48
C12 E64 F . 3.94 -16.61 -4.45
C12 E64 F . 6.43 -18.23 -5.11
C12 E64 F . 7.00 -18.06 -1.09
C13 E64 F . 3.96 -15.47 -5.45
C13 E64 F . 7.11 -19.43 -4.49
C13 E64 F . 7.27 -19.48 -0.57
C14 E64 F . 3.91 -15.98 -6.84
C14 E64 F . 8.62 -19.32 -4.40
C14 E64 F . 7.71 -19.43 0.91
C15 E64 F . 5.25 -16.43 -7.32
C15 E64 F . 9.00 -19.94 -3.07
C15 E64 F . 9.15 -18.88 1.09
N3 E64 F . 5.37 -16.00 -8.67
N3 E64 F . 8.68 -19.02 -1.98
N3 E64 F . 9.19 -17.58 1.73
C16 E64 F . 4.80 -16.70 -9.62
C16 E64 F . 8.70 -19.31 -0.67
C16 E64 F . 10.30 -16.90 2.00
N4 E64 F . 4.60 -16.20 -10.81
N4 E64 F . 8.48 -18.32 0.22
N4 E64 F . 10.17 -15.73 2.60
N5 E64 F . 4.36 -17.91 -9.31
N5 E64 F . 8.95 -20.55 -0.20
N5 E64 F . 11.53 -17.33 1.69
S DMS G . 19.22 -3.80 11.92
O DMS G . 18.27 -2.64 11.63
C1 DMS G . 20.73 -3.49 11.09
C2 DMS G . 19.82 -3.67 13.56
CA CA H . 3.52 9.96 -6.16
CA CA I . 3.54 10.38 -9.61
C1 GAL J . -16.12 -32.30 21.34
C2 GAL J . -15.48 -32.37 19.96
C3 GAL J . -15.33 -31.03 19.27
C4 GAL J . -16.67 -30.28 19.34
C5 GAL J . -17.21 -30.26 20.79
C6 GAL J . -18.59 -29.66 20.93
O1 GAL J . -16.41 -33.62 21.70
O2 GAL J . -14.17 -32.94 20.11
O3 GAL J . -14.86 -31.30 17.92
O4 GAL J . -17.58 -31.00 18.47
O5 GAL J . -17.32 -31.59 21.32
O6 GAL J . -18.92 -29.59 22.31
C1 E64 K . -2.01 10.95 -12.07
O1 E64 K . -2.02 11.58 -11.01
O2 E64 K . -2.98 10.92 -12.89
C2 E64 K . -0.86 10.07 -12.35
C3 E64 K . 0.44 10.81 -12.03
O3 E64 K . 0.41 11.73 -13.10
C4 E64 K . 1.64 9.94 -12.13
O4 E64 K . 2.15 9.47 -11.16
N1 E64 K . 2.06 9.61 -13.31
C6 E64 K . 3.20 8.77 -13.59
C7 E64 K . 3.00 7.34 -14.07
C8 E64 K . 2.04 6.52 -13.22
C9 E64 K . 2.71 6.14 -11.91
C10 E64 K . 1.68 5.33 -14.00
C11 E64 K . 4.39 9.46 -14.25
O5 E64 K . 4.35 9.56 -15.46
N2 E64 K . 5.39 9.93 -13.55
C12 E64 K . 6.66 10.41 -14.14
C13 E64 K . 7.82 9.55 -13.66
C14 E64 K . 9.23 10.05 -14.06
C15 E64 K . 9.96 8.96 -14.85
N3 E64 K . 11.39 9.29 -14.86
C16 E64 K . 12.36 8.51 -15.32
N4 E64 K . 12.08 7.38 -16.00
N5 E64 K . 13.67 8.86 -15.05
#